data_4MGT
#
_entry.id   4MGT
#
_cell.length_a   129.099
_cell.length_b   129.099
_cell.length_c   84.466
_cell.angle_alpha   90.000
_cell.angle_beta   90.000
_cell.angle_gamma   120.000
#
_symmetry.space_group_name_H-M   'P 63 2 2'
#
loop_
_entity.id
_entity.type
_entity.pdbx_description
1 polymer 'Alpha-ketoglutarate-dependent dioxygenase alkB homolog 2'
2 polymer DNA1
3 polymer DNA2
4 non-polymer 'MAGNESIUM ION'
#
loop_
_entity_poly.entity_id
_entity_poly.type
_entity_poly.pdbx_seq_one_letter_code
_entity_poly.pdbx_strand_id
1 'polypeptide(L)'
;MSWRHIRAEGLDSSYTVLFGKAEADEIFQELEKEVEYFTGALARVQVFGKWHSVPAKQATYGDAGLTYTFSGLTLSPKPW
IPVLERIRDHVSGVTGQTFNFVLINRYKDGSDHICEHRDDERELAPGSPIASVSFGASRDFVFRHKDSRGKSPSRRVAVV
RLPLAHGSLLMMNHPTNTHWYHSLPVRKKVLAPRVNLTFRKILLG
;
A
2 'polydeoxyribonucleotide' (DT)(DC)(DG)(DA)(DC)(DA)(DG)(DT)(DG)(DA)(DG)(DA)(DC)(DA) B
3 'polydeoxyribonucleotide' (DT)(DG)(DT)(DC)(DT)(DC)(DA)(2YR)(DT)(DG)(DT)(DC)(DG) C
#
loop_
_chem_comp.id
_chem_comp.type
_chem_comp.name
_chem_comp.formula
2YR non-polymer '2'-deoxy-N-(2-sulfanylethyl)cytidine 5'-(dihydrogen phosphate)' 'C11 H18 N3 O7 P S'
DA DNA linking 2'-DEOXYADENOSINE-5'-MONOPHOSPHATE 'C10 H14 N5 O6 P'
DC DNA linking 2'-DEOXYCYTIDINE-5'-MONOPHOSPHATE 'C9 H14 N3 O7 P'
DG DNA linking 2'-DEOXYGUANOSINE-5'-MONOPHOSPHATE 'C10 H14 N5 O7 P'
DT DNA linking THYMIDINE-5'-MONOPHOSPHATE 'C10 H15 N2 O8 P'
MG non-polymer 'MAGNESIUM ION' 'Mg 2'
#
# COMPACT_ATOMS: atom_id res chain seq x y z
N MET A 1 18.79 0.91 12.18
CA MET A 1 18.33 0.36 10.85
C MET A 1 19.02 1.01 9.62
N SER A 2 19.22 0.20 8.56
CA SER A 2 19.83 0.70 7.30
C SER A 2 18.86 1.13 6.17
N TRP A 3 18.80 2.44 5.90
CA TRP A 3 17.79 3.05 5.02
C TRP A 3 18.44 3.62 3.77
N ARG A 4 17.85 3.33 2.62
CA ARG A 4 18.13 4.05 1.41
C ARG A 4 17.16 5.22 1.31
N HIS A 5 17.68 6.44 1.23
CA HIS A 5 16.82 7.63 1.12
C HIS A 5 16.69 7.96 -0.35
N ILE A 6 15.46 7.95 -0.83
CA ILE A 6 15.16 8.27 -2.20
C ILE A 6 14.79 9.76 -2.20
N ARG A 7 15.61 10.57 -2.86
CA ARG A 7 15.47 12.03 -2.81
C ARG A 7 15.39 12.59 -4.23
N ALA A 8 14.51 13.58 -4.42
CA ALA A 8 14.45 14.38 -5.65
C ALA A 8 13.52 15.56 -5.37
N GLU A 9 13.32 16.41 -6.37
CA GLU A 9 12.45 17.57 -6.22
C GLU A 9 11.03 17.18 -5.84
N GLY A 10 10.69 17.34 -4.57
CA GLY A 10 9.35 17.06 -4.08
C GLY A 10 9.14 15.61 -3.71
N LEU A 11 10.23 14.85 -3.64
CA LEU A 11 10.17 13.40 -3.40
C LEU A 11 10.97 12.99 -2.17
N ASP A 12 10.26 12.58 -1.13
CA ASP A 12 10.93 12.03 0.03
C ASP A 12 10.34 10.68 0.43
N SER A 13 11.09 9.63 0.10
CA SER A 13 10.76 8.31 0.50
C SER A 13 12.00 7.66 1.00
N SER A 14 11.86 6.63 1.81
CA SER A 14 13.01 5.81 2.11
C SER A 14 12.68 4.31 2.15
N TYR A 15 13.68 3.48 1.95
CA TYR A 15 13.42 2.06 1.75
C TYR A 15 14.39 1.23 2.53
N THR A 16 13.89 0.16 3.09
CA THR A 16 14.76 -0.75 3.83
C THR A 16 14.18 -2.11 3.79
N VAL A 17 15.00 -3.05 4.19
CA VAL A 17 14.61 -4.40 4.26
C VAL A 17 14.20 -4.66 5.67
N LEU A 18 12.93 -4.95 5.88
CA LEU A 18 12.37 -5.04 7.23
C LEU A 18 12.55 -6.41 7.82
N PHE A 19 12.39 -7.42 6.97
CA PHE A 19 12.40 -8.79 7.40
C PHE A 19 13.44 -9.55 6.61
N GLY A 20 14.22 -10.37 7.32
CA GLY A 20 15.12 -11.30 6.69
C GLY A 20 14.29 -12.28 5.91
N LYS A 21 14.96 -13.01 5.03
CA LYS A 21 14.30 -14.00 4.20
C LYS A 21 13.50 -15.02 5.00
N ALA A 22 14.12 -15.75 5.90
CA ALA A 22 13.38 -16.76 6.68
C ALA A 22 12.07 -16.18 7.20
N GLU A 23 12.14 -15.00 7.78
CA GLU A 23 10.99 -14.45 8.45
C GLU A 23 9.99 -13.95 7.42
N ALA A 24 10.51 -13.45 6.31
CA ALA A 24 9.65 -12.92 5.27
C ALA A 24 8.87 -14.06 4.65
N ASP A 25 9.52 -15.20 4.43
CA ASP A 25 8.85 -16.42 3.95
C ASP A 25 7.72 -16.86 4.88
N GLU A 26 8.02 -16.96 6.16
CA GLU A 26 7.03 -17.35 7.17
C GLU A 26 5.81 -16.44 7.15
N ILE A 27 6.04 -15.13 7.17
CA ILE A 27 4.95 -14.16 7.22
C ILE A 27 4.11 -14.19 5.95
N PHE A 28 4.77 -14.30 4.81
CA PHE A 28 4.09 -14.34 3.54
C PHE A 28 3.10 -15.51 3.51
N GLN A 29 3.60 -16.70 3.85
CA GLN A 29 2.75 -17.89 3.96
CA GLN A 29 2.72 -17.87 3.88
C GLN A 29 1.57 -17.68 4.89
N GLU A 30 1.82 -16.99 5.98
CA GLU A 30 0.75 -16.75 6.93
C GLU A 30 -0.26 -15.78 6.34
N LEU A 31 0.20 -14.75 5.65
CA LEU A 31 -0.69 -13.85 4.94
C LEU A 31 -1.56 -14.55 3.91
N GLU A 32 -0.94 -15.37 3.07
CA GLU A 32 -1.67 -16.03 1.97
C GLU A 32 -2.74 -16.89 2.56
N LYS A 33 -2.41 -17.53 3.66
CA LYS A 33 -3.30 -18.39 4.37
C LYS A 33 -4.45 -17.66 5.10
N GLU A 34 -4.22 -16.43 5.54
CA GLU A 34 -5.09 -15.85 6.57
C GLU A 34 -5.85 -14.60 6.15
N VAL A 35 -5.37 -13.87 5.15
CA VAL A 35 -6.02 -12.63 4.77
C VAL A 35 -7.24 -12.92 3.90
N GLU A 36 -8.33 -12.19 4.15
CA GLU A 36 -9.61 -12.35 3.43
C GLU A 36 -9.93 -11.11 2.59
N TYR A 37 -9.78 -11.30 1.28
CA TYR A 37 -9.99 -10.25 0.32
C TYR A 37 -11.47 -10.11 0.05
N PHE A 38 -11.90 -8.90 -0.29
CA PHE A 38 -13.23 -8.72 -0.85
C PHE A 38 -13.22 -9.44 -2.19
N THR A 39 -14.32 -10.10 -2.51
CA THR A 39 -14.47 -10.74 -3.81
C THR A 39 -14.95 -9.66 -4.80
N GLY A 40 -15.25 -10.06 -6.02
CA GLY A 40 -15.87 -9.14 -7.01
C GLY A 40 -17.39 -9.04 -6.90
N ALA A 41 -17.99 -10.04 -6.23
CA ALA A 41 -19.45 -10.24 -6.17
C ALA A 41 -20.32 -8.98 -6.12
N LEU A 42 -19.92 -8.00 -5.33
CA LEU A 42 -20.68 -6.77 -5.21
C LEU A 42 -19.85 -5.57 -5.68
N ALA A 43 -20.20 -5.07 -6.85
CA ALA A 43 -19.45 -4.00 -7.50
C ALA A 43 -19.89 -2.62 -7.06
N ARG A 44 -21.21 -2.41 -7.06
CA ARG A 44 -21.77 -1.12 -6.74
C ARG A 44 -22.99 -1.16 -5.86
N VAL A 45 -23.27 0.00 -5.30
CA VAL A 45 -24.38 0.26 -4.41
C VAL A 45 -24.91 1.65 -4.76
N GLN A 46 -26.22 1.82 -4.87
CA GLN A 46 -26.77 3.14 -5.22
C GLN A 46 -27.52 3.80 -4.06
N VAL A 47 -27.31 5.10 -3.90
CA VAL A 47 -28.05 5.92 -2.93
C VAL A 47 -28.39 7.26 -3.56
N PHE A 48 -29.53 7.83 -3.18
CA PHE A 48 -29.94 9.15 -3.66
C PHE A 48 -29.84 9.16 -5.20
N GLY A 49 -30.10 8.01 -5.83
CA GLY A 49 -29.94 7.85 -7.27
C GLY A 49 -28.53 7.81 -7.87
N LYS A 50 -27.49 7.94 -7.04
CA LYS A 50 -26.10 7.97 -7.54
C LYS A 50 -25.32 6.74 -7.12
N TRP A 51 -24.71 6.05 -8.09
CA TRP A 51 -23.94 4.85 -7.79
C TRP A 51 -22.64 5.17 -7.06
N HIS A 52 -22.10 4.15 -6.39
CA HIS A 52 -20.87 4.24 -5.63
C HIS A 52 -20.20 2.89 -5.73
N SER A 53 -18.95 2.86 -6.15
CA SER A 53 -18.20 1.60 -6.20
C SER A 53 -17.91 1.09 -4.80
N VAL A 54 -17.76 -0.23 -4.72
CA VAL A 54 -17.52 -0.94 -3.47
C VAL A 54 -16.20 -1.67 -3.64
N PRO A 55 -15.36 -1.67 -2.60
CA PRO A 55 -14.00 -2.22 -2.78
C PRO A 55 -14.00 -3.68 -3.25
N ALA A 56 -13.14 -3.97 -4.23
CA ALA A 56 -12.99 -5.31 -4.75
C ALA A 56 -11.52 -5.72 -4.71
N LYS A 57 -11.26 -7.01 -4.59
CA LYS A 57 -9.89 -7.57 -4.60
C LYS A 57 -8.86 -6.84 -3.69
N GLN A 58 -9.33 -6.41 -2.53
CA GLN A 58 -8.46 -5.87 -1.54
C GLN A 58 -9.03 -6.23 -0.19
N ALA A 59 -8.22 -6.14 0.85
CA ALA A 59 -8.65 -6.34 2.22
C ALA A 59 -8.24 -5.12 3.05
N THR A 60 -9.10 -4.71 3.99
CA THR A 60 -8.80 -3.64 4.93
C THR A 60 -8.97 -4.14 6.35
N TYR A 61 -7.95 -3.95 7.18
CA TYR A 61 -8.06 -4.17 8.61
C TYR A 61 -7.74 -2.87 9.35
N GLY A 62 -8.19 -2.76 10.59
CA GLY A 62 -7.84 -1.59 11.39
C GLY A 62 -8.40 -1.66 12.78
N ASP A 63 -8.27 -0.58 13.53
CA ASP A 63 -8.70 -0.59 14.93
C ASP A 63 -10.20 -0.72 15.04
N ALA A 64 -10.64 -1.38 16.10
CA ALA A 64 -12.04 -1.46 16.46
C ALA A 64 -12.62 -0.03 16.58
N GLY A 65 -13.79 0.18 15.99
CA GLY A 65 -14.45 1.49 16.05
C GLY A 65 -14.03 2.49 14.98
N LEU A 66 -13.06 2.11 14.17
CA LEU A 66 -12.60 3.02 13.13
C LEU A 66 -13.53 2.94 11.92
N THR A 67 -13.68 4.05 11.19
CA THR A 67 -14.35 4.03 9.90
C THR A 67 -13.52 4.79 8.86
N TYR A 68 -13.53 4.33 7.60
CA TYR A 68 -12.90 5.05 6.49
C TYR A 68 -13.90 5.22 5.40
N THR A 69 -13.64 6.14 4.48
CA THR A 69 -14.52 6.30 3.34
C THR A 69 -13.91 5.71 2.07
N PHE A 70 -14.77 5.41 1.12
CA PHE A 70 -14.36 4.76 -0.10
C PHE A 70 -15.41 5.03 -1.18
N SER A 71 -14.96 5.54 -2.32
CA SER A 71 -15.84 5.87 -3.44
C SER A 71 -17.13 6.50 -2.91
N GLY A 72 -17.00 7.36 -1.88
CA GLY A 72 -18.14 8.09 -1.32
C GLY A 72 -18.91 7.43 -0.17
N LEU A 73 -18.67 6.14 0.07
CA LEU A 73 -19.32 5.40 1.16
C LEU A 73 -18.43 5.36 2.39
N THR A 74 -19.02 5.10 3.55
CA THR A 74 -18.23 4.91 4.78
C THR A 74 -18.26 3.44 5.23
N LEU A 75 -17.08 2.87 5.46
CA LEU A 75 -16.94 1.45 5.83
C LEU A 75 -16.25 1.26 7.15
N SER A 76 -16.36 0.04 7.69
CA SER A 76 -15.58 -0.38 8.87
C SER A 76 -14.61 -1.44 8.40
N PRO A 77 -13.35 -1.36 8.84
CA PRO A 77 -12.40 -2.40 8.49
C PRO A 77 -12.51 -3.63 9.38
N LYS A 78 -12.07 -4.79 8.90
CA LYS A 78 -11.94 -5.99 9.73
C LYS A 78 -11.02 -5.69 10.95
N PRO A 79 -11.36 -6.24 12.11
CA PRO A 79 -10.41 -6.12 13.23
C PRO A 79 -9.09 -6.82 12.95
N TRP A 80 -8.01 -6.27 13.47
CA TRP A 80 -6.66 -6.82 13.29
C TRP A 80 -6.63 -8.30 13.58
N ILE A 81 -5.83 -9.04 12.80
CA ILE A 81 -5.53 -10.42 13.11
C ILE A 81 -4.04 -10.46 13.43
N PRO A 82 -3.57 -11.56 14.01
CA PRO A 82 -2.23 -11.49 14.62
C PRO A 82 -1.07 -11.19 13.69
N VAL A 83 -1.10 -11.73 12.47
CA VAL A 83 0.06 -11.56 11.58
C VAL A 83 0.23 -10.09 11.19
N LEU A 84 -0.90 -9.38 11.12
CA LEU A 84 -0.91 -7.98 10.81
C LEU A 84 -0.44 -7.13 11.96
N GLU A 85 -0.81 -7.51 13.18
CA GLU A 85 -0.30 -6.83 14.37
C GLU A 85 1.21 -6.99 14.46
N ARG A 86 1.69 -8.19 14.21
CA ARG A 86 3.11 -8.46 14.14
C ARG A 86 3.80 -7.55 13.15
N ILE A 87 3.25 -7.43 11.94
CA ILE A 87 3.85 -6.57 10.94
C ILE A 87 3.75 -5.09 11.33
N ARG A 88 2.59 -4.65 11.80
CA ARG A 88 2.42 -3.28 12.24
C ARG A 88 3.49 -2.90 13.28
N ASP A 89 3.73 -3.81 14.22
CA ASP A 89 4.64 -3.55 15.33
C ASP A 89 6.09 -3.42 14.87
N HIS A 90 6.46 -4.16 13.83
CA HIS A 90 7.83 -4.07 13.34
C HIS A 90 8.03 -2.73 12.63
N VAL A 91 7.00 -2.28 11.94
CA VAL A 91 7.00 -0.99 11.23
C VAL A 91 7.07 0.13 12.25
N SER A 92 6.18 0.06 13.21
CA SER A 92 6.24 1.01 14.31
C SER A 92 7.60 1.02 14.95
N GLY A 93 8.16 -0.17 15.16
CA GLY A 93 9.40 -0.30 15.90
C GLY A 93 10.59 0.35 15.21
N VAL A 94 10.48 0.49 13.92
CA VAL A 94 11.59 0.93 13.09
C VAL A 94 11.38 2.37 12.58
N THR A 95 10.24 2.99 12.88
CA THR A 95 9.90 4.34 12.43
C THR A 95 9.46 5.31 13.52
N GLY A 96 8.99 4.79 14.64
CA GLY A 96 8.48 5.63 15.71
C GLY A 96 7.04 6.03 15.49
N GLN A 97 6.38 5.43 14.50
CA GLN A 97 4.98 5.79 14.22
C GLN A 97 4.01 4.73 14.54
N THR A 98 2.77 5.15 14.68
CA THR A 98 1.68 4.25 14.91
C THR A 98 0.75 4.32 13.74
N PHE A 99 0.03 3.22 13.54
CA PHE A 99 -0.85 3.04 12.43
C PHE A 99 -2.11 2.36 12.90
N ASN A 100 -3.24 2.75 12.36
CA ASN A 100 -4.53 2.25 12.85
C ASN A 100 -5.35 1.57 11.72
N PHE A 101 -4.73 1.34 10.56
CA PHE A 101 -5.40 0.94 9.35
C PHE A 101 -4.41 0.35 8.38
N VAL A 102 -4.77 -0.75 7.70
CA VAL A 102 -3.95 -1.27 6.60
C VAL A 102 -4.82 -1.76 5.45
N LEU A 103 -4.38 -1.38 4.25
CA LEU A 103 -4.99 -1.79 3.00
C LEU A 103 -4.06 -2.82 2.40
N ILE A 104 -4.59 -3.99 2.04
CA ILE A 104 -3.79 -5.06 1.51
C ILE A 104 -4.24 -5.30 0.09
N ASN A 105 -3.27 -5.36 -0.82
CA ASN A 105 -3.53 -5.65 -2.23
C ASN A 105 -2.73 -6.85 -2.62
N ARG A 106 -3.30 -7.67 -3.47
CA ARG A 106 -2.63 -8.86 -3.93
C ARG A 106 -2.46 -8.75 -5.45
N TYR A 107 -1.23 -8.94 -5.93
CA TYR A 107 -0.94 -8.90 -7.35
C TYR A 107 -0.49 -10.30 -7.70
N LYS A 108 -1.39 -11.07 -8.31
CA LYS A 108 -1.16 -12.50 -8.47
C LYS A 108 -0.07 -12.85 -9.47
N ASP A 109 0.21 -11.94 -10.39
CA ASP A 109 1.35 -12.03 -11.28
C ASP A 109 1.59 -10.66 -11.87
N GLY A 110 2.62 -10.58 -12.70
CA GLY A 110 2.95 -9.34 -13.39
C GLY A 110 1.90 -8.66 -14.27
N SER A 111 0.78 -9.31 -14.60
CA SER A 111 -0.28 -8.68 -15.37
CA SER A 111 -0.27 -8.65 -15.37
C SER A 111 -1.12 -7.77 -14.49
N ASP A 112 -1.10 -8.05 -13.18
CA ASP A 112 -1.78 -7.18 -12.22
C ASP A 112 -0.82 -6.04 -11.94
N HIS A 113 -1.38 -4.84 -11.93
CA HIS A 113 -0.59 -3.63 -11.85
C HIS A 113 -1.48 -2.58 -11.25
N ILE A 114 -0.91 -1.41 -11.05
CA ILE A 114 -1.74 -0.28 -10.70
C ILE A 114 -1.28 0.90 -11.55
N CYS A 115 -2.26 1.59 -12.12
CA CYS A 115 -1.99 2.71 -13.02
C CYS A 115 -1.63 3.91 -12.18
N GLU A 116 -1.00 4.89 -12.81
CA GLU A 116 -0.62 6.12 -12.13
C GLU A 116 -1.77 6.70 -11.34
N HIS A 117 -1.55 6.98 -10.05
CA HIS A 117 -2.52 7.67 -9.19
C HIS A 117 -1.81 8.35 -8.02
N ARG A 118 -2.53 9.25 -7.35
CA ARG A 118 -2.08 9.85 -6.08
C ARG A 118 -3.10 9.59 -4.95
N ASP A 119 -2.60 9.03 -3.85
CA ASP A 119 -3.44 8.56 -2.76
C ASP A 119 -4.53 9.53 -2.34
N ASP A 120 -5.58 9.03 -1.71
CA ASP A 120 -6.63 9.92 -1.25
C ASP A 120 -6.16 10.58 0.01
N GLU A 121 -5.74 11.82 -0.15
CA GLU A 121 -5.16 12.61 0.92
C GLU A 121 -6.17 13.06 1.95
N ARG A 122 -7.43 13.08 1.57
CA ARG A 122 -8.50 13.75 2.34
C ARG A 122 -8.73 13.24 3.77
N GLU A 123 -8.47 11.94 4.00
CA GLU A 123 -8.79 11.27 5.28
C GLU A 123 -7.53 10.96 6.13
N LEU A 124 -6.35 11.18 5.54
CA LEU A 124 -5.07 10.94 6.23
C LEU A 124 -4.68 12.05 7.20
N ALA A 125 -3.74 11.74 8.08
CA ALA A 125 -3.08 12.74 8.91
C ALA A 125 -2.28 13.76 8.05
N SER A 128 1.57 13.03 7.10
CA SER A 128 2.07 11.86 7.82
C SER A 128 2.38 10.66 6.89
N PRO A 129 3.33 9.82 7.26
CA PRO A 129 3.84 8.81 6.31
C PRO A 129 2.99 7.55 6.10
N ILE A 130 2.82 7.20 4.83
CA ILE A 130 2.29 5.93 4.37
C ILE A 130 3.43 4.92 4.40
N ALA A 131 3.21 3.74 5.00
CA ALA A 131 4.20 2.63 5.00
C ALA A 131 3.71 1.47 4.17
N SER A 132 4.51 1.05 3.21
CA SER A 132 4.12 0.06 2.25
C SER A 132 5.05 -1.11 2.46
N VAL A 133 4.52 -2.27 2.80
CA VAL A 133 5.36 -3.41 3.12
C VAL A 133 5.06 -4.49 2.09
N SER A 134 6.09 -5.08 1.51
CA SER A 134 5.92 -6.03 0.41
C SER A 134 6.37 -7.43 0.70
N PHE A 135 5.59 -8.40 0.25
CA PHE A 135 6.01 -9.80 0.34
C PHE A 135 5.76 -10.49 -0.99
N GLY A 136 6.41 -11.61 -1.18
CA GLY A 136 6.35 -12.34 -2.45
C GLY A 136 7.37 -11.84 -3.42
N ALA A 137 6.96 -11.77 -4.68
CA ALA A 137 7.83 -11.44 -5.80
C ALA A 137 8.15 -9.96 -5.81
N SER A 138 9.40 -9.66 -6.11
CA SER A 138 9.86 -8.32 -6.29
C SER A 138 9.16 -7.67 -7.50
N ARG A 139 8.70 -6.45 -7.32
CA ARG A 139 7.99 -5.71 -8.37
C ARG A 139 8.49 -4.29 -8.34
N ASP A 140 8.72 -3.78 -9.54
CA ASP A 140 9.24 -2.44 -9.72
C ASP A 140 8.15 -1.46 -9.44
N PHE A 141 8.53 -0.37 -8.82
CA PHE A 141 7.60 0.67 -8.41
C PHE A 141 8.14 1.98 -8.93
N VAL A 142 7.25 2.79 -9.48
CA VAL A 142 7.70 3.90 -10.28
C VAL A 142 7.05 5.19 -9.85
N PHE A 143 7.91 6.21 -9.78
CA PHE A 143 7.52 7.55 -9.42
C PHE A 143 7.66 8.51 -10.59
N ARG A 144 6.56 9.14 -10.97
CA ARG A 144 6.58 10.22 -11.98
C ARG A 144 5.97 11.52 -11.42
N HIS A 145 6.72 12.62 -11.56
CA HIS A 145 6.29 13.98 -11.12
C HIS A 145 5.00 14.44 -11.82
N LYS A 146 4.11 15.09 -11.09
CA LYS A 146 2.76 15.44 -11.60
C LYS A 146 2.70 16.58 -12.66
N ASP A 147 3.83 17.22 -12.93
CA ASP A 147 3.94 18.29 -13.93
C ASP A 147 4.70 17.86 -15.19
N SER A 148 5.37 16.71 -15.13
CA SER A 148 6.09 16.17 -16.30
C SER A 148 5.12 15.61 -17.34
N PRO A 153 1.79 18.52 -21.40
CA PRO A 153 2.87 18.40 -20.42
C PRO A 153 3.58 19.74 -20.19
N SER A 154 3.96 20.00 -18.94
CA SER A 154 4.67 21.26 -18.63
C SER A 154 6.16 21.31 -18.75
N ARG A 155 6.83 20.54 -17.87
CA ARG A 155 8.28 20.43 -17.81
C ARG A 155 8.70 18.99 -17.98
N ARG A 156 9.98 18.71 -17.78
CA ARG A 156 10.48 17.34 -17.77
C ARG A 156 11.22 17.03 -16.48
N VAL A 157 10.54 16.34 -15.56
CA VAL A 157 11.13 15.98 -14.27
C VAL A 157 11.59 14.51 -14.29
N ALA A 158 12.63 14.22 -13.51
CA ALA A 158 13.26 12.88 -13.41
C ALA A 158 12.26 11.77 -13.11
N VAL A 159 12.68 10.55 -13.42
CA VAL A 159 11.90 9.36 -13.12
C VAL A 159 12.70 8.56 -12.10
N VAL A 160 12.00 7.90 -11.18
CA VAL A 160 12.68 7.12 -10.14
C VAL A 160 12.05 5.74 -10.03
N ARG A 161 12.91 4.74 -10.08
CA ARG A 161 12.49 3.37 -10.29
C ARG A 161 13.14 2.52 -9.23
N LEU A 162 12.30 1.73 -8.56
CA LEU A 162 12.66 1.09 -7.32
C LEU A 162 12.03 -0.29 -7.26
N PRO A 163 12.83 -1.35 -7.25
CA PRO A 163 12.25 -2.66 -6.98
C PRO A 163 11.86 -2.82 -5.52
N LEU A 164 10.60 -3.19 -5.28
CA LEU A 164 10.13 -3.47 -3.94
C LEU A 164 10.27 -4.94 -3.69
N ALA A 165 11.29 -5.25 -2.90
CA ALA A 165 11.69 -6.61 -2.68
C ALA A 165 10.92 -7.23 -1.52
N HIS A 166 11.05 -8.56 -1.47
CA HIS A 166 10.42 -9.43 -0.48
C HIS A 166 10.94 -9.04 0.86
N GLY A 167 10.05 -8.60 1.73
CA GLY A 167 10.39 -8.28 3.11
C GLY A 167 10.65 -6.80 3.35
N SER A 168 10.42 -6.00 2.32
CA SER A 168 10.85 -4.59 2.33
C SER A 168 9.79 -3.69 2.82
N LEU A 169 10.22 -2.49 3.19
CA LEU A 169 9.36 -1.45 3.68
C LEU A 169 9.68 -0.17 2.96
N LEU A 170 8.67 0.45 2.38
CA LEU A 170 8.83 1.74 1.75
C LEU A 170 8.01 2.76 2.48
N MET A 171 8.65 3.78 3.04
CA MET A 171 7.93 4.87 3.65
C MET A 171 7.84 5.95 2.64
N MET A 172 6.65 6.46 2.45
CA MET A 172 6.42 7.64 1.64
C MET A 172 6.03 8.82 2.54
N ASN A 173 6.94 9.78 2.66
CA ASN A 173 6.73 10.94 3.52
C ASN A 173 6.52 12.22 2.72
N HIS A 174 5.71 13.12 3.24
CA HIS A 174 5.56 14.45 2.67
C HIS A 174 6.84 15.09 2.07
N PRO A 175 6.71 15.73 0.93
CA PRO A 175 5.43 15.79 0.22
C PRO A 175 5.44 14.87 -1.01
N THR A 176 5.97 13.66 -0.84
CA THR A 176 6.09 12.71 -1.96
C THR A 176 4.75 12.47 -2.64
N ASN A 177 3.70 12.29 -1.84
CA ASN A 177 2.39 12.00 -2.38
C ASN A 177 1.65 13.23 -2.92
N THR A 178 2.17 14.42 -2.68
CA THR A 178 1.57 15.63 -3.25
C THR A 178 2.09 15.93 -4.71
N HIS A 179 3.41 15.90 -4.92
CA HIS A 179 4.00 16.30 -6.22
C HIS A 179 4.29 15.15 -7.22
N TRP A 180 4.12 13.89 -6.81
CA TRP A 180 4.46 12.75 -7.71
C TRP A 180 3.36 11.68 -7.80
N TYR A 181 3.03 11.23 -9.01
CA TYR A 181 2.13 10.07 -9.17
C TYR A 181 2.93 8.79 -9.06
N HIS A 182 2.27 7.75 -8.55
CA HIS A 182 2.93 6.45 -8.46
C HIS A 182 2.21 5.36 -9.26
N SER A 183 3.01 4.43 -9.78
CA SER A 183 2.51 3.25 -10.48
C SER A 183 3.28 2.00 -10.09
N LEU A 184 2.63 0.86 -10.32
CA LEU A 184 3.27 -0.44 -10.26
C LEU A 184 3.02 -1.05 -11.62
N PRO A 185 3.99 -0.93 -12.53
CA PRO A 185 3.62 -1.25 -13.90
C PRO A 185 3.63 -2.76 -14.12
N VAL A 186 2.92 -3.17 -15.19
CA VAL A 186 2.91 -4.56 -15.66
C VAL A 186 4.34 -5.07 -15.85
N ARG A 187 4.58 -6.34 -15.54
CA ARG A 187 5.84 -7.01 -15.92
C ARG A 187 5.48 -8.45 -16.28
N LYS A 188 5.61 -8.84 -17.55
CA LYS A 188 5.17 -10.17 -18.01
C LYS A 188 6.05 -11.26 -17.46
N LYS A 189 7.35 -10.98 -17.41
CA LYS A 189 8.33 -11.97 -16.97
C LYS A 189 8.05 -12.44 -15.57
N VAL A 190 7.44 -11.58 -14.73
CA VAL A 190 7.15 -11.92 -13.34
C VAL A 190 5.92 -12.84 -13.21
N LEU A 191 6.10 -14.04 -12.65
CA LEU A 191 5.00 -15.01 -12.62
C LEU A 191 4.43 -15.29 -11.22
N ALA A 192 5.20 -14.99 -10.17
CA ALA A 192 4.78 -15.29 -8.80
C ALA A 192 3.97 -14.13 -8.23
N PRO A 193 3.17 -14.40 -7.18
CA PRO A 193 2.33 -13.35 -6.59
C PRO A 193 3.08 -12.36 -5.69
N ARG A 194 2.53 -11.15 -5.54
CA ARG A 194 3.01 -10.20 -4.56
C ARG A 194 1.89 -9.69 -3.68
N VAL A 195 2.19 -9.52 -2.40
CA VAL A 195 1.26 -8.96 -1.44
C VAL A 195 1.86 -7.68 -0.88
N ASN A 196 1.06 -6.63 -0.89
CA ASN A 196 1.50 -5.37 -0.38
C ASN A 196 0.56 -4.87 0.66
N LEU A 197 1.12 -4.30 1.72
CA LEU A 197 0.36 -3.81 2.85
C LEU A 197 0.64 -2.35 3.03
N THR A 198 -0.39 -1.53 3.06
CA THR A 198 -0.19 -0.12 3.17
C THR A 198 -0.84 0.28 4.43
N PHE A 199 0.00 0.68 5.38
CA PHE A 199 -0.44 1.13 6.67
C PHE A 199 -0.61 2.63 6.66
N ARG A 200 -1.59 3.13 7.38
CA ARG A 200 -1.95 4.53 7.38
C ARG A 200 -2.42 4.83 8.74
N LYS A 201 -2.50 6.13 9.04
CA LYS A 201 -3.21 6.55 10.21
C LYS A 201 -4.37 7.42 9.75
N ILE A 202 -5.57 6.90 9.98
CA ILE A 202 -6.82 7.60 9.66
C ILE A 202 -7.13 8.57 10.78
N LEU A 203 -7.32 9.83 10.46
CA LEU A 203 -7.72 10.85 11.45
C LEU A 203 -9.12 10.64 12.00
N LEU A 204 -9.28 10.80 13.32
CA LEU A 204 -10.60 10.77 13.96
C LEU A 204 -11.49 11.97 13.59
N GLY A 205 -10.86 13.10 13.25
CA GLY A 205 -11.55 14.23 12.65
C GLY A 205 -11.93 13.93 11.21
P 2YR C 8 1.18 10.80 -20.60
OP1 2YR C 8 1.03 11.97 -21.49
OP2 2YR C 8 1.95 10.94 -19.34
O5' 2YR C 8 -0.28 10.26 -20.28
C5' 2YR C 8 -1.42 10.81 -20.97
C4' 2YR C 8 -1.81 9.95 -22.15
O4' 2YR C 8 -1.27 8.61 -22.02
C3' 2YR C 8 -3.31 9.75 -22.29
O3' 2YR C 8 -3.90 10.87 -22.95
C2' 2YR C 8 -3.39 8.46 -23.08
C1' 2YR C 8 -2.16 7.67 -22.64
N1 2YR C 8 -2.42 6.59 -21.67
C2 2YR C 8 -3.16 5.47 -22.11
O2 2YR C 8 -3.56 5.43 -23.27
N3 2YR C 8 -3.41 4.47 -21.23
C4 2YR C 8 -2.95 4.55 -19.98
N4 2YR C 8 -3.21 3.52 -19.16
C5 2YR C 8 -2.20 5.66 -19.52
C6 2YR C 8 -1.96 6.65 -20.39
S 2YR C 8 -1.94 1.28 -16.31
C8 2YR C 8 -1.28 1.56 -17.98
C9 2YR C 8 -2.24 2.48 -18.73
MG MG D . -1.39 4.30 -3.92
#